data_8XBV
#
_entry.id   8XBV
#
loop_
_entity.id
_entity.type
_entity.pdbx_description
1 polymer "DNA (5'-D(P*CP*GP*AP*AP*AP*AP*CP*GP*GP*CP*CP*AP*CP*CP*A)-3')"
2 polymer "DNA (5'-D(P*TP*GP*GP*CP*CP*GP*TP*TP*TP*TP*CP*G)-3')"
3 polymer 'DNA repair protein RAD51 homolog 1'
#
loop_
_entity_poly.entity_id
_entity_poly.type
_entity_poly.pdbx_seq_one_letter_code
_entity_poly.pdbx_strand_id
1 'polydeoxyribonucleotide'
;(DA)(DT)(DC)(DA)(DG)(DA)(DA)(DT)(DC)(DC)(DC)(DG)(DG)(DT)(DG)(DC)(DC)(DG)(DA)(DG)
(DG)(DC)(DC)(DG)(DC)(DT)(DC)(DA)(DA)(DT)(DT)(DG)(DG)(DT)(DC)(DG)(DT)(DA)(DG)(DA)
(DC)(DA)(DG)(DC)(DT)(DC)(DT)(DA)(DG)(DC)(DA)(DC)(DC)(DG)(DC)(DT)(DT)(DA)(DA)(DA)
(DC)(DG)(DC)(DA)(DC)(DG)(DT)(DA)(DC)(DG)(DC)(DG)(DC)(DT)(DG)(DT)(DC)(DC)(DC)(DC)
(DC)(DG)(DC)(DG)(DT)(DT)(DT)(DT)(DA)(DA)(DC)(DC)(DG)(DC)(DC)(DA)(DA)(DG)(DG)(DG)
(DG)(DA)(DT)(DT)(DA)(DC)(DA)(DC)(DC)(DC)(DA)(DA)(DG)(DA)(DC)(DA)(DC)(DC)(DA)(DG)
(DG)(DC)(DA)(DC)(DG)(DA)(DG)(DA)(DC)(DA)(DG)(DA)(DA)(DA)(DA)(DA)(DA)(DA)(DC)(DA)
(DA)(DC)(DG)(DA)(DA)(DA)(DA)(DC)(DG)(DG)(DC)(DC)(DA)(DC)(DC)(DA)
;
I
2 'polydeoxyribonucleotide'
;(DT)(DG)(DG)(DC)(DC)(DG)(DT)(DT)(DT)(DT)(DC)(DG)(DT)(DT)(DG)(DT)(DT)(DT)(DT)(DT)
(DT)(DT)(DC)(DT)(DG)(DT)(DC)(DT)(DC)(DG)(DT)(DG)(DC)(DC)(DT)(DG)(DG)(DT)(DG)(DT)
(DC)(DT)(DT)(DG)(DG)(DG)(DT)(DG)(DT)(DA)(DA)(DT)(DC)(DC)(DC)(DC)(DT)(DT)(DG)(DG)
(DC)(DG)(DG)(DT)(DT)(DA)(DA)(DA)(DA)(DC)(DG)(DC)(DG)(DG)(DG)(DG)(DG)(DA)(DC)(DA)
(DG)(DC)(DG)(DC)(DG)(DT)(DA)(DC)(DG)(DT)(DG)(DC)(DG)(DT)(DT)(DT)(DA)(DA)(DG)(DC)
(DG)(DG)(DT)(DG)(DC)(DT)(DA)(DG)(DA)(DG)(DC)(DT)(DG)(DT)(DC)(DT)(DA)(DC)(DG)(DA)
(DC)(DC)(DA)(DA)(DT)(DT)(DG)(DA)(DG)(DC)(DG)(DG)(DC)(DC)(DT)(DC)(DG)(DG)(DC)(DA)
(DC)(DC)(DG)(DG)(DG)(DA)(DT)(DT)(DC)(DT)(DG)(DA)(DT)
;
J
3 'polypeptide(L)'
;GSHMAMQMQLEANADTSVEEESFGPQPISRLEQCGINANDVKKLEEAGFHTVEAVAYAPKKELINIKGISEAKADKILAE
AAKLVPMGFTTATEFHQRRSEIIQITTGSKELDKLLQGGIETGSITEMFGEFRTGKTQICHTLAVTCQLPIDRGGGEGKA
MYIDTEGTFRPERLLAVAERYGLSGSDVLDNVAYARAFNTDHQTQLLYQASAMMVESRYALLIVDSATALYRTDYSGRGE
LSARQMHLARFLRMLLRLADEFGVAVVITNQVVAQVDGAAMFAADPKKPIGGNIIAHASTTRLYLRKGRGETRICKIYDS
PCLPEAEAMFAINADGVGDAKD
;
K,L
#
loop_
_chem_comp.id
_chem_comp.type
_chem_comp.name
_chem_comp.formula
DA DNA linking 2'-DEOXYADENOSINE-5'-MONOPHOSPHATE 'C10 H14 N5 O6 P'
DC DNA linking 2'-DEOXYCYTIDINE-5'-MONOPHOSPHATE 'C9 H14 N3 O7 P'
DG DNA linking 2'-DEOXYGUANOSINE-5'-MONOPHOSPHATE 'C10 H14 N5 O7 P'
DT DNA linking THYMIDINE-5'-MONOPHOSPHATE 'C10 H15 N2 O8 P'
#
# COMPACT_ATOMS: atom_id res chain seq x y z
N GLN C 104 -10.62 6.67 12.93
CA GLN C 104 -10.60 5.21 12.91
C GLN C 104 -11.98 4.62 13.15
N ILE C 105 -12.53 3.98 12.13
CA ILE C 105 -13.85 3.37 12.22
C ILE C 105 -13.73 2.05 12.96
N THR C 106 -14.45 1.91 14.07
CA THR C 106 -14.42 0.69 14.85
C THR C 106 -14.89 -0.51 14.04
N THR C 107 -14.14 -1.60 14.11
CA THR C 107 -14.60 -2.85 13.51
C THR C 107 -15.70 -3.50 14.31
N GLY C 108 -15.87 -3.07 15.57
CA GLY C 108 -16.77 -3.70 16.51
C GLY C 108 -16.27 -4.98 17.12
N SER C 109 -15.17 -5.54 16.64
CA SER C 109 -14.38 -6.50 17.39
C SER C 109 -13.23 -5.78 18.09
N LYS C 110 -13.21 -5.84 19.42
CA LYS C 110 -12.15 -5.18 20.18
C LYS C 110 -10.78 -5.76 19.79
N GLU C 111 -10.66 -7.08 19.70
CA GLU C 111 -9.39 -7.68 19.32
C GLU C 111 -8.97 -7.22 17.93
N LEU C 112 -9.93 -7.09 17.01
CA LEU C 112 -9.59 -6.61 15.67
C LEU C 112 -9.21 -5.14 15.71
N ASP C 113 -9.90 -4.35 16.53
CA ASP C 113 -9.54 -2.95 16.72
C ASP C 113 -8.12 -2.82 17.23
N LYS C 114 -7.74 -3.65 18.20
CA LYS C 114 -6.37 -3.65 18.70
C LYS C 114 -5.41 -4.05 17.59
N LEU C 115 -5.81 -5.02 16.76
CA LEU C 115 -4.95 -5.45 15.66
C LEU C 115 -4.70 -4.29 14.71
N LEU C 116 -5.72 -3.48 14.47
CA LEU C 116 -5.65 -2.33 13.57
C LEU C 116 -5.22 -1.05 14.27
N GLN C 117 -4.91 -1.11 15.57
CA GLN C 117 -4.59 0.06 16.39
C GLN C 117 -5.78 1.00 16.56
N GLY C 118 -6.99 0.47 16.49
CA GLY C 118 -8.15 1.29 16.77
C GLY C 118 -9.22 1.28 15.68
N GLY C 119 -8.87 0.79 14.50
CA GLY C 119 -9.82 0.68 13.42
C GLY C 119 -9.26 1.18 12.11
N ILE C 120 -10.08 1.02 11.06
CA ILE C 120 -9.69 1.44 9.72
C ILE C 120 -9.35 2.92 9.69
N GLU C 121 -8.25 3.25 9.01
CA GLU C 121 -7.99 4.63 8.63
C GLU C 121 -8.94 5.03 7.50
N THR C 122 -9.75 6.05 7.76
CA THR C 122 -10.51 6.66 6.68
C THR C 122 -9.58 7.30 5.66
N GLY C 123 -10.06 7.40 4.42
CA GLY C 123 -9.28 7.94 3.34
C GLY C 123 -8.32 6.97 2.68
N SER C 124 -8.41 5.68 2.98
CA SER C 124 -7.52 4.68 2.40
C SER C 124 -8.29 3.39 2.16
N ILE C 125 -7.75 2.56 1.27
CA ILE C 125 -8.35 1.28 0.93
C ILE C 125 -7.78 0.19 1.82
N THR C 126 -8.66 -0.59 2.46
CA THR C 126 -8.26 -1.74 3.26
C THR C 126 -8.83 -3.00 2.63
N GLU C 127 -7.96 -3.91 2.22
CA GLU C 127 -8.38 -5.13 1.54
C GLU C 127 -8.36 -6.31 2.51
N MET C 128 -9.44 -7.08 2.54
CA MET C 128 -9.53 -8.33 3.31
C MET C 128 -9.75 -9.49 2.33
N PHE C 129 -8.69 -10.25 2.13
CA PHE C 129 -8.68 -11.43 1.28
C PHE C 129 -8.73 -12.69 2.16
N GLY C 130 -9.66 -13.58 1.83
CA GLY C 130 -9.82 -14.81 2.58
C GLY C 130 -10.74 -15.75 1.82
N GLU C 131 -10.83 -16.97 2.32
CA GLU C 131 -11.69 -17.98 1.71
C GLU C 131 -13.14 -17.54 1.82
N PHE C 132 -13.99 -18.22 1.05
CA PHE C 132 -15.43 -18.00 1.18
C PHE C 132 -15.87 -18.42 2.58
N ARG C 133 -16.93 -17.77 3.07
CA ARG C 133 -17.55 -18.04 4.37
C ARG C 133 -16.65 -17.64 5.53
N THR C 134 -15.56 -16.93 5.28
CA THR C 134 -14.71 -16.46 6.38
C THR C 134 -15.33 -15.30 7.13
N GLY C 135 -16.35 -14.65 6.57
CA GLY C 135 -16.98 -13.53 7.23
C GLY C 135 -16.73 -12.16 6.63
N LYS C 136 -16.13 -12.08 5.45
CA LYS C 136 -15.94 -10.78 4.80
C LYS C 136 -17.24 -10.01 4.74
N THR C 137 -18.30 -10.65 4.21
CA THR C 137 -19.61 -10.01 4.10
C THR C 137 -20.16 -9.61 5.47
N GLN C 138 -19.99 -10.49 6.46
CA GLN C 138 -20.48 -10.17 7.81
C GLN C 138 -19.79 -8.93 8.37
N ILE C 139 -18.46 -8.86 8.20
CA ILE C 139 -17.72 -7.67 8.63
C ILE C 139 -18.23 -6.45 7.91
N CYS C 140 -18.50 -6.57 6.60
CA CYS C 140 -19.04 -5.45 5.84
C CYS C 140 -20.37 -4.98 6.43
N HIS C 141 -21.29 -5.92 6.69
CA HIS C 141 -22.57 -5.55 7.29
C HIS C 141 -22.40 -4.85 8.63
N THR C 142 -21.48 -5.36 9.46
CA THR C 142 -21.24 -4.72 10.75
C THR C 142 -20.72 -3.29 10.57
N LEU C 143 -19.69 -3.13 9.74
CA LEU C 143 -19.12 -1.80 9.52
C LEU C 143 -20.13 -0.85 8.91
N ALA C 144 -21.08 -1.36 8.10
CA ALA C 144 -22.06 -0.51 7.46
C ALA C 144 -22.89 0.23 8.48
N VAL C 145 -22.97 -0.29 9.70
CA VAL C 145 -23.72 0.34 10.77
C VAL C 145 -22.79 1.07 11.72
N THR C 146 -21.66 0.44 12.07
CA THR C 146 -20.72 1.06 13.00
C THR C 146 -20.19 2.38 12.47
N CYS C 147 -20.08 2.52 11.15
CA CYS C 147 -19.63 3.80 10.59
C CYS C 147 -20.51 4.95 11.06
N GLN C 148 -21.81 4.70 11.21
CA GLN C 148 -22.73 5.74 11.65
C GLN C 148 -22.59 6.07 13.13
N LEU C 149 -21.87 5.25 13.89
CA LEU C 149 -21.67 5.51 15.31
C LEU C 149 -20.92 6.82 15.52
N PRO C 150 -21.08 7.43 16.70
CA PRO C 150 -20.29 8.62 17.02
C PRO C 150 -18.79 8.32 16.97
N ILE C 151 -18.01 9.36 16.66
CA ILE C 151 -16.56 9.20 16.57
C ILE C 151 -15.99 8.75 17.90
N ASP C 152 -16.57 9.24 19.01
CA ASP C 152 -16.11 8.82 20.33
C ASP C 152 -16.40 7.35 20.57
N ARG C 153 -17.34 6.76 19.83
CA ARG C 153 -17.66 5.34 19.93
C ARG C 153 -16.95 4.51 18.87
N GLY C 154 -16.04 5.12 18.11
CA GLY C 154 -15.33 4.40 17.08
C GLY C 154 -15.94 4.48 15.70
N GLY C 155 -16.97 5.31 15.51
CA GLY C 155 -17.58 5.49 14.22
C GLY C 155 -17.00 6.66 13.44
N GLY C 156 -17.63 6.94 12.31
CA GLY C 156 -17.26 8.07 11.49
C GLY C 156 -18.33 9.14 11.41
N GLU C 157 -19.48 8.88 12.02
CA GLU C 157 -20.63 9.78 11.97
C GLU C 157 -20.98 10.11 10.52
N GLY C 158 -21.04 9.06 9.71
CA GLY C 158 -21.37 9.21 8.30
C GLY C 158 -22.18 8.05 7.80
N LYS C 159 -22.83 8.27 6.67
CA LYS C 159 -23.67 7.28 6.04
C LYS C 159 -22.80 6.20 5.38
N ALA C 160 -23.43 5.08 5.04
CA ALA C 160 -22.74 3.94 4.46
C ALA C 160 -23.17 3.68 3.02
N MET C 161 -22.26 3.10 2.24
CA MET C 161 -22.50 2.74 0.85
C MET C 161 -22.14 1.30 0.61
N TYR C 162 -23.13 0.51 0.21
CA TYR C 162 -22.97 -0.92 -0.04
C TYR C 162 -23.22 -1.18 -1.52
N ILE C 163 -22.18 -1.58 -2.23
CA ILE C 163 -22.27 -1.98 -3.62
C ILE C 163 -22.14 -3.50 -3.62
N ASP C 164 -23.22 -4.20 -3.93
CA ASP C 164 -23.24 -5.65 -3.87
C ASP C 164 -23.17 -6.27 -5.26
N THR C 165 -22.39 -7.34 -5.37
CA THR C 165 -22.28 -8.09 -6.61
C THR C 165 -22.65 -9.55 -6.44
N GLU C 166 -23.02 -9.97 -5.23
CA GLU C 166 -23.14 -11.38 -4.88
C GLU C 166 -24.48 -11.72 -4.23
N GLY C 167 -25.38 -10.75 -4.06
CA GLY C 167 -26.70 -10.98 -3.52
C GLY C 167 -26.79 -11.11 -2.02
N THR C 168 -25.67 -11.05 -1.31
CA THR C 168 -25.60 -11.34 0.12
C THR C 168 -26.00 -10.15 1.00
N PHE C 169 -26.58 -9.10 0.42
CA PHE C 169 -26.94 -7.94 1.21
C PHE C 169 -28.18 -8.23 2.04
N ARG C 170 -28.08 -7.99 3.34
CA ARG C 170 -29.15 -8.26 4.29
C ARG C 170 -29.41 -7.05 5.16
N PRO C 171 -30.51 -6.33 4.93
CA PRO C 171 -30.82 -5.19 5.81
C PRO C 171 -31.05 -5.63 7.24
N GLU C 172 -31.51 -6.88 7.42
CA GLU C 172 -31.75 -7.39 8.76
C GLU C 172 -30.45 -7.54 9.55
N ARG C 173 -29.35 -7.88 8.87
CA ARG C 173 -28.06 -7.88 9.55
C ARG C 173 -27.69 -6.48 10.00
N LEU C 174 -27.98 -5.47 9.17
CA LEU C 174 -27.75 -4.08 9.56
C LEU C 174 -28.60 -3.71 10.76
N LEU C 175 -29.84 -4.20 10.80
CA LEU C 175 -30.72 -3.92 11.94
C LEU C 175 -30.16 -4.55 13.20
N ALA C 176 -29.62 -5.78 13.08
CA ALA C 176 -29.02 -6.45 14.22
C ALA C 176 -27.80 -5.70 14.73
N VAL C 177 -26.95 -5.21 13.83
CA VAL C 177 -25.79 -4.44 14.27
C VAL C 177 -26.23 -3.13 14.92
N ALA C 178 -27.24 -2.48 14.35
CA ALA C 178 -27.74 -1.24 14.93
C ALA C 178 -28.30 -1.44 16.33
N GLU C 179 -29.09 -2.50 16.53
CA GLU C 179 -29.62 -2.76 17.87
C GLU C 179 -28.54 -3.21 18.84
N ARG C 180 -27.49 -3.89 18.36
CA ARG C 180 -26.39 -4.24 19.25
C ARG C 180 -25.78 -3.00 19.89
N TYR C 181 -25.39 -2.04 19.06
CA TYR C 181 -24.79 -0.78 19.50
C TYR C 181 -25.84 0.27 19.84
N GLY C 182 -27.12 -0.09 19.82
CA GLY C 182 -28.17 0.86 20.14
C GLY C 182 -28.39 1.95 19.12
N LEU C 183 -28.30 1.63 17.83
CA LEU C 183 -28.60 2.57 16.78
C LEU C 183 -29.96 2.25 16.18
N SER C 184 -30.66 3.28 15.71
CA SER C 184 -31.96 3.09 15.10
C SER C 184 -31.82 2.29 13.81
N GLY C 185 -32.43 1.10 13.78
CA GLY C 185 -32.31 0.26 12.60
C GLY C 185 -32.91 0.94 11.37
N SER C 186 -34.01 1.65 11.56
CA SER C 186 -34.63 2.34 10.44
C SER C 186 -33.72 3.45 9.94
N ASP C 187 -33.09 4.19 10.86
CA ASP C 187 -32.19 5.25 10.44
C ASP C 187 -30.92 4.67 9.82
N VAL C 188 -30.49 3.49 10.29
CA VAL C 188 -29.35 2.82 9.67
C VAL C 188 -29.66 2.48 8.22
N LEU C 189 -30.84 1.90 7.98
CA LEU C 189 -31.20 1.59 6.61
C LEU C 189 -31.41 2.85 5.79
N ASP C 190 -31.80 3.95 6.45
CA ASP C 190 -31.95 5.23 5.77
C ASP C 190 -30.61 5.88 5.46
N ASN C 191 -29.55 5.47 6.14
CA ASN C 191 -28.22 6.02 5.95
C ASN C 191 -27.33 5.05 5.19
N VAL C 192 -27.91 4.02 4.60
CA VAL C 192 -27.19 3.05 3.77
C VAL C 192 -27.87 3.03 2.41
N ALA C 193 -27.15 3.43 1.37
CA ALA C 193 -27.65 3.38 0.01
C ALA C 193 -27.08 2.12 -0.63
N TYR C 194 -27.95 1.35 -1.26
CA TYR C 194 -27.61 0.02 -1.75
C TYR C 194 -27.91 -0.10 -3.23
N ALA C 195 -27.04 -0.83 -3.93
CA ALA C 195 -27.21 -1.08 -5.36
C ALA C 195 -26.40 -2.31 -5.74
N ARG C 196 -27.01 -3.17 -6.56
CA ARG C 196 -26.39 -4.41 -6.98
C ARG C 196 -25.79 -4.20 -8.37
N ALA C 197 -24.49 -4.45 -8.50
CA ALA C 197 -23.82 -4.33 -9.79
C ALA C 197 -23.99 -5.61 -10.60
N PHE C 198 -24.46 -5.47 -11.84
CA PHE C 198 -24.71 -6.65 -12.67
C PHE C 198 -23.49 -7.09 -13.45
N ASN C 199 -22.51 -6.21 -13.64
CA ASN C 199 -21.32 -6.54 -14.40
C ASN C 199 -20.19 -5.60 -13.96
N THR C 200 -19.00 -5.82 -14.54
CA THR C 200 -17.86 -4.98 -14.19
C THR C 200 -18.09 -3.55 -14.69
N ASP C 201 -18.61 -3.42 -15.90
CA ASP C 201 -18.91 -2.10 -16.43
C ASP C 201 -19.97 -1.41 -15.59
N HIS C 202 -21.01 -2.13 -15.18
CA HIS C 202 -22.00 -1.55 -14.29
C HIS C 202 -21.41 -1.27 -12.91
N GLN C 203 -20.49 -2.12 -12.46
CA GLN C 203 -19.85 -1.90 -11.16
C GLN C 203 -19.08 -0.59 -11.16
N THR C 204 -18.36 -0.31 -12.25
CA THR C 204 -17.62 0.95 -12.33
C THR C 204 -18.57 2.10 -12.59
N GLN C 205 -19.64 1.87 -13.37
CA GLN C 205 -20.58 2.94 -13.68
C GLN C 205 -21.28 3.44 -12.43
N LEU C 206 -21.50 2.55 -11.45
CA LEU C 206 -22.16 2.99 -10.22
C LEU C 206 -21.30 3.99 -9.48
N LEU C 207 -19.99 3.99 -9.71
CA LEU C 207 -19.10 4.93 -9.04
C LEU C 207 -19.37 6.34 -9.53
N TYR C 208 -19.83 6.49 -10.77
CA TYR C 208 -20.20 7.80 -11.28
C TYR C 208 -21.37 8.40 -10.50
N GLN C 209 -22.39 7.59 -10.20
CA GLN C 209 -23.46 8.11 -9.35
C GLN C 209 -22.99 8.28 -7.92
N ALA C 210 -22.06 7.43 -7.47
CA ALA C 210 -21.56 7.50 -6.11
C ALA C 210 -20.79 8.78 -5.84
N SER C 211 -19.96 9.20 -6.81
CA SER C 211 -19.15 10.39 -6.61
C SER C 211 -20.02 11.64 -6.48
N ALA C 212 -21.04 11.78 -7.32
CA ALA C 212 -21.91 12.95 -7.22
C ALA C 212 -22.81 12.88 -5.99
N MET C 213 -23.27 11.68 -5.61
CA MET C 213 -24.16 11.54 -4.47
C MET C 213 -23.41 11.74 -3.16
N MET C 214 -22.14 11.34 -3.09
CA MET C 214 -21.31 11.47 -1.91
C MET C 214 -20.90 12.90 -1.62
N VAL C 215 -21.21 13.84 -2.52
CA VAL C 215 -20.89 15.24 -2.31
C VAL C 215 -21.95 15.92 -1.44
N GLU C 216 -23.22 15.56 -1.64
CA GLU C 216 -24.31 16.19 -0.91
C GLU C 216 -24.41 15.72 0.53
N SER C 217 -24.06 14.47 0.82
CA SER C 217 -24.13 13.97 2.18
C SER C 217 -22.79 13.41 2.61
N ARG C 218 -22.53 13.47 3.91
CA ARG C 218 -21.30 12.92 4.47
C ARG C 218 -21.41 11.41 4.56
N TYR C 219 -20.49 10.72 3.90
CA TYR C 219 -20.33 9.29 4.04
C TYR C 219 -18.97 9.00 4.66
N ALA C 220 -18.87 7.79 5.20
CA ALA C 220 -17.67 7.34 5.88
C ALA C 220 -17.20 5.98 5.42
N LEU C 221 -18.03 5.23 4.69
CA LEU C 221 -17.71 3.86 4.31
C LEU C 221 -18.30 3.54 2.95
N LEU C 222 -17.48 2.92 2.10
CA LEU C 222 -17.88 2.42 0.80
C LEU C 222 -17.57 0.94 0.78
N ILE C 223 -18.59 0.11 0.55
CA ILE C 223 -18.44 -1.35 0.57
C ILE C 223 -18.69 -1.90 -0.82
N VAL C 224 -17.75 -2.72 -1.30
CA VAL C 224 -17.86 -3.43 -2.57
C VAL C 224 -17.64 -4.91 -2.29
N ASP C 225 -18.72 -5.69 -2.34
CA ASP C 225 -18.71 -7.07 -1.87
C ASP C 225 -18.65 -8.03 -3.05
N SER C 226 -17.71 -8.99 -2.99
CA SER C 226 -17.30 -9.79 -4.15
C SER C 226 -16.80 -8.89 -5.28
N ALA C 227 -15.97 -7.91 -4.92
CA ALA C 227 -15.44 -6.95 -5.90
C ALA C 227 -14.72 -7.63 -7.06
N THR C 228 -14.05 -8.75 -6.81
CA THR C 228 -13.34 -9.45 -7.88
C THR C 228 -14.17 -10.52 -8.57
N ALA C 229 -15.37 -10.83 -8.06
CA ALA C 229 -16.14 -11.91 -8.66
C ALA C 229 -16.60 -11.57 -10.07
N LEU C 230 -17.03 -10.32 -10.30
CA LEU C 230 -17.53 -9.95 -11.61
C LEU C 230 -16.42 -9.91 -12.66
N TYR C 231 -15.17 -9.72 -12.26
CA TYR C 231 -14.09 -9.77 -13.24
C TYR C 231 -13.77 -11.19 -13.64
N ARG C 232 -14.27 -12.17 -12.88
CA ARG C 232 -14.11 -13.59 -13.20
C ARG C 232 -15.31 -14.14 -13.94
N THR C 233 -16.52 -13.69 -13.59
CA THR C 233 -17.72 -14.18 -14.25
C THR C 233 -17.90 -13.53 -15.62
N ASP C 234 -17.66 -12.22 -15.70
CA ASP C 234 -17.78 -11.50 -16.97
C ASP C 234 -16.63 -11.86 -17.90
N TYR C 235 -15.41 -11.58 -17.47
CA TYR C 235 -14.20 -11.85 -18.24
C TYR C 235 -13.72 -13.24 -17.84
N SER C 236 -14.16 -14.25 -18.60
CA SER C 236 -13.80 -15.63 -18.33
C SER C 236 -12.76 -16.17 -19.30
N GLY C 237 -12.55 -15.51 -20.43
CA GLY C 237 -11.57 -15.97 -21.38
C GLY C 237 -10.17 -15.62 -20.94
N ARG C 238 -9.20 -16.11 -21.72
CA ARG C 238 -7.79 -15.86 -21.42
C ARG C 238 -7.21 -14.68 -22.20
N GLY C 239 -7.68 -14.46 -23.42
CA GLY C 239 -7.27 -13.29 -24.17
C GLY C 239 -7.83 -11.99 -23.62
N GLU C 240 -8.92 -12.07 -22.87
CA GLU C 240 -9.56 -10.89 -22.28
C GLU C 240 -9.06 -10.59 -20.87
N LEU C 241 -7.96 -11.22 -20.43
CA LEU C 241 -7.48 -10.99 -19.07
C LEU C 241 -6.98 -9.56 -18.91
N SER C 242 -6.24 -9.06 -19.89
CA SER C 242 -5.73 -7.69 -19.79
C SER C 242 -6.87 -6.68 -19.71
N ALA C 243 -8.02 -6.99 -20.32
CA ALA C 243 -9.12 -6.04 -20.30
C ALA C 243 -9.71 -5.92 -18.89
N ARG C 244 -9.94 -7.07 -18.25
CA ARG C 244 -10.44 -7.03 -16.88
C ARG C 244 -9.40 -6.45 -15.93
N GLN C 245 -8.12 -6.70 -16.18
CA GLN C 245 -7.08 -6.10 -15.34
C GLN C 245 -7.06 -4.58 -15.48
N MET C 246 -7.21 -4.08 -16.71
CA MET C 246 -7.30 -2.64 -16.93
C MET C 246 -8.54 -2.05 -16.26
N HIS C 247 -9.68 -2.72 -16.40
CA HIS C 247 -10.90 -2.22 -15.78
C HIS C 247 -10.77 -2.20 -14.26
N LEU C 248 -10.17 -3.25 -13.69
CA LEU C 248 -9.93 -3.29 -12.26
C LEU C 248 -8.98 -2.19 -11.83
N ALA C 249 -7.90 -1.98 -12.60
CA ALA C 249 -6.96 -0.91 -12.29
C ALA C 249 -7.64 0.45 -12.25
N ARG C 250 -8.45 0.74 -13.27
CA ARG C 250 -9.19 2.00 -13.29
C ARG C 250 -10.17 2.07 -12.12
N PHE C 251 -10.82 0.97 -11.79
CA PHE C 251 -11.74 0.94 -10.68
C PHE C 251 -11.02 1.26 -9.38
N LEU C 252 -9.84 0.66 -9.17
CA LEU C 252 -9.06 0.91 -7.96
C LEU C 252 -8.60 2.36 -7.90
N ARG C 253 -8.18 2.92 -9.04
CA ARG C 253 -7.79 4.32 -9.06
C ARG C 253 -8.97 5.21 -8.70
N MET C 254 -10.16 4.88 -9.20
CA MET C 254 -11.36 5.62 -8.83
C MET C 254 -11.65 5.51 -7.35
N LEU C 255 -11.42 4.33 -6.77
CA LEU C 255 -11.59 4.15 -5.33
C LEU C 255 -10.64 5.06 -4.57
N LEU C 256 -9.36 5.08 -4.95
CA LEU C 256 -8.40 5.95 -4.29
C LEU C 256 -8.78 7.41 -4.43
N ARG C 257 -9.25 7.81 -5.61
CA ARG C 257 -9.68 9.19 -5.85
C ARG C 257 -10.83 9.56 -4.94
N LEU C 258 -11.84 8.69 -4.84
CA LEU C 258 -12.98 8.97 -3.97
C LEU C 258 -12.57 9.00 -2.50
N ALA C 259 -11.63 8.13 -2.12
CA ALA C 259 -11.13 8.09 -0.75
C ALA C 259 -10.44 9.40 -0.40
N ASP C 260 -9.59 9.90 -1.30
CA ASP C 260 -8.90 11.16 -1.03
C ASP C 260 -9.87 12.33 -1.12
N GLU C 261 -10.95 12.19 -1.87
CA GLU C 261 -11.88 13.29 -2.07
C GLU C 261 -12.81 13.46 -0.87
N PHE C 262 -13.39 12.36 -0.40
CA PHE C 262 -14.36 12.41 0.68
C PHE C 262 -13.81 11.96 2.02
N GLY C 263 -12.58 11.47 2.08
CA GLY C 263 -12.02 11.02 3.35
C GLY C 263 -12.77 9.85 3.93
N VAL C 264 -13.30 8.98 3.07
CA VAL C 264 -14.06 7.82 3.50
C VAL C 264 -13.20 6.57 3.43
N ALA C 265 -13.65 5.54 4.13
CA ALA C 265 -12.98 4.24 4.15
C ALA C 265 -13.47 3.44 2.95
N VAL C 266 -12.55 2.78 2.26
CA VAL C 266 -12.86 1.99 1.08
C VAL C 266 -12.61 0.52 1.39
N VAL C 267 -13.68 -0.28 1.39
CA VAL C 267 -13.65 -1.69 1.71
C VAL C 267 -14.09 -2.49 0.49
N ILE C 268 -13.23 -3.39 0.04
CA ILE C 268 -13.54 -4.26 -1.09
C ILE C 268 -13.25 -5.69 -0.64
N THR C 269 -14.06 -6.64 -1.11
CA THR C 269 -13.91 -8.03 -0.70
C THR C 269 -13.49 -8.91 -1.87
N ASN C 270 -12.57 -9.83 -1.61
CA ASN C 270 -11.98 -10.68 -2.61
C ASN C 270 -12.08 -12.13 -2.18
N GLN C 271 -12.60 -12.97 -3.07
CA GLN C 271 -12.69 -14.40 -2.83
C GLN C 271 -11.43 -15.06 -3.35
N VAL C 272 -10.80 -15.88 -2.52
CA VAL C 272 -9.59 -16.60 -2.91
C VAL C 272 -9.96 -18.08 -2.96
N VAL C 273 -10.24 -18.58 -4.16
CA VAL C 273 -10.60 -19.98 -4.36
C VAL C 273 -9.38 -20.88 -4.18
N GLY C 292 -5.46 -9.82 -7.34
CA GLY C 292 -4.43 -9.34 -8.24
C GLY C 292 -3.27 -8.66 -7.55
N ASN C 293 -2.07 -8.79 -8.13
CA ASN C 293 -0.89 -8.15 -7.57
C ASN C 293 -0.95 -6.63 -7.66
N ILE C 294 -1.83 -6.10 -8.52
CA ILE C 294 -1.97 -4.66 -8.66
C ILE C 294 -2.53 -4.02 -7.38
N ILE C 295 -3.38 -4.74 -6.65
CA ILE C 295 -3.98 -4.14 -5.47
C ILE C 295 -2.97 -3.92 -4.34
N ALA C 296 -1.88 -4.69 -4.32
CA ALA C 296 -0.94 -4.61 -3.21
C ALA C 296 -0.43 -3.19 -2.97
N HIS C 297 0.13 -2.55 -4.02
CA HIS C 297 0.62 -1.18 -3.83
C HIS C 297 -0.52 -0.22 -3.54
N ALA C 298 -1.73 -0.52 -4.02
CA ALA C 298 -2.85 0.41 -3.88
C ALA C 298 -3.53 0.25 -2.53
N SER C 299 -3.72 -0.99 -2.10
CA SER C 299 -4.32 -1.26 -0.80
C SER C 299 -3.26 -0.99 0.27
N THR C 300 -3.69 -0.34 1.35
CA THR C 300 -2.75 -0.03 2.42
C THR C 300 -2.63 -1.14 3.45
N THR C 301 -3.69 -1.89 3.71
CA THR C 301 -3.65 -2.92 4.73
C THR C 301 -4.32 -4.17 4.18
N ARG C 302 -3.58 -5.27 4.13
CA ARG C 302 -4.09 -6.53 3.63
C ARG C 302 -4.30 -7.47 4.82
N LEU C 303 -5.54 -7.96 4.94
CA LEU C 303 -5.95 -8.85 6.00
C LEU C 303 -6.35 -10.19 5.39
N TYR C 304 -5.78 -11.26 5.92
CA TYR C 304 -6.08 -12.61 5.50
C TYR C 304 -7.05 -13.20 6.50
N LEU C 305 -8.17 -13.70 6.00
CA LEU C 305 -9.20 -14.28 6.86
C LEU C 305 -9.29 -15.77 6.59
N ARG C 306 -9.30 -16.56 7.67
CA ARG C 306 -9.47 -17.99 7.55
C ARG C 306 -10.41 -18.50 8.63
N LYS C 307 -11.07 -19.61 8.32
CA LYS C 307 -12.10 -20.14 9.20
C LYS C 307 -11.46 -20.92 10.34
N GLY C 308 -11.91 -20.62 11.56
CA GLY C 308 -11.84 -21.53 12.67
C GLY C 308 -13.20 -22.21 12.82
N ARG C 309 -13.19 -23.48 13.19
CA ARG C 309 -14.40 -24.26 13.07
C ARG C 309 -15.44 -23.78 14.08
N GLY C 310 -16.70 -24.07 13.78
CA GLY C 310 -17.81 -23.29 14.28
C GLY C 310 -17.94 -21.97 13.56
N GLU C 311 -18.25 -20.90 14.29
CA GLU C 311 -18.47 -19.59 13.68
C GLU C 311 -17.37 -18.59 14.03
N THR C 312 -16.24 -19.08 14.52
CA THR C 312 -15.17 -18.22 15.01
C THR C 312 -14.03 -18.19 13.98
N ARG C 313 -13.63 -16.99 13.59
CA ARG C 313 -12.70 -16.76 12.48
C ARG C 313 -11.37 -16.18 12.95
N ILE C 314 -10.29 -16.58 12.26
CA ILE C 314 -8.95 -16.10 12.51
C ILE C 314 -8.60 -15.03 11.49
N CYS C 315 -8.10 -13.89 11.97
CA CYS C 315 -7.68 -12.77 11.14
C CYS C 315 -6.18 -12.61 11.29
N LYS C 316 -5.49 -12.38 10.17
CA LYS C 316 -4.06 -12.18 10.12
C LYS C 316 -3.74 -10.96 9.28
N ILE C 317 -2.72 -10.21 9.67
CA ILE C 317 -2.25 -9.08 8.87
C ILE C 317 -1.08 -9.60 8.02
N TYR C 318 -1.18 -9.44 6.70
CA TYR C 318 -0.19 -10.03 5.83
C TYR C 318 0.70 -9.00 5.14
N ASP C 319 0.30 -7.73 5.15
CA ASP C 319 1.22 -6.64 4.91
C ASP C 319 0.64 -5.39 5.57
N SER C 320 1.48 -4.67 6.32
CA SER C 320 1.22 -3.29 6.61
C SER C 320 2.53 -2.58 6.89
N PRO C 321 2.82 -1.47 6.21
CA PRO C 321 4.00 -0.67 6.58
C PRO C 321 3.99 -0.18 8.02
N CYS C 322 2.81 0.05 8.60
CA CYS C 322 2.69 0.43 10.01
C CYS C 322 2.21 -0.69 10.91
N LEU C 323 1.31 -1.55 10.43
CA LEU C 323 0.86 -2.56 11.39
C LEU C 323 1.74 -3.81 11.31
N PRO C 324 2.02 -4.41 12.47
CA PRO C 324 2.76 -5.68 12.48
C PRO C 324 2.01 -6.76 11.71
N GLU C 325 2.76 -7.71 11.17
CA GLU C 325 2.20 -9.02 10.87
C GLU C 325 1.81 -9.69 12.18
N ALA C 326 0.52 -9.97 12.34
CA ALA C 326 -0.03 -10.42 13.60
C ALA C 326 -1.39 -11.04 13.33
N GLU C 327 -1.92 -11.72 14.34
CA GLU C 327 -3.21 -12.39 14.22
C GLU C 327 -4.10 -12.06 15.42
N ALA C 328 -5.40 -12.12 15.18
CA ALA C 328 -6.41 -11.86 16.19
C ALA C 328 -7.60 -12.77 15.91
N MET C 329 -8.22 -13.26 16.98
CA MET C 329 -9.33 -14.19 16.86
C MET C 329 -10.61 -13.41 17.11
N PHE C 330 -11.63 -13.66 16.30
CA PHE C 330 -12.91 -12.99 16.47
C PHE C 330 -14.00 -13.97 16.08
N ALA C 331 -15.26 -13.61 16.37
CA ALA C 331 -16.39 -14.47 16.07
C ALA C 331 -17.44 -13.69 15.29
N ILE C 332 -18.34 -14.45 14.68
CA ILE C 332 -19.47 -13.93 13.93
C ILE C 332 -20.74 -14.29 14.68
N ASN C 333 -21.35 -13.30 15.31
CA ASN C 333 -22.46 -13.46 16.23
C ASN C 333 -23.69 -12.82 15.58
N ALA C 334 -24.87 -13.30 15.96
CA ALA C 334 -26.11 -12.80 15.36
C ALA C 334 -26.18 -11.28 15.37
N ASP C 335 -25.88 -10.66 16.51
CA ASP C 335 -25.88 -9.21 16.60
C ASP C 335 -24.77 -8.56 15.75
N GLY C 336 -23.62 -9.22 15.61
CA GLY C 336 -22.41 -8.47 15.36
C GLY C 336 -21.28 -9.28 14.77
N VAL C 337 -20.30 -8.57 14.23
CA VAL C 337 -18.94 -9.10 14.13
C VAL C 337 -18.21 -8.64 15.39
N GLY C 338 -17.77 -9.61 16.20
CA GLY C 338 -17.62 -9.36 17.62
C GLY C 338 -16.57 -10.30 18.16
N ASP C 339 -16.01 -9.94 19.31
CA ASP C 339 -14.82 -10.62 19.77
C ASP C 339 -15.12 -12.08 20.12
N ALA C 340 -14.11 -12.92 19.98
CA ALA C 340 -14.26 -14.32 20.33
C ALA C 340 -14.43 -14.46 21.84
N LYS C 341 -15.42 -15.26 22.25
CA LYS C 341 -15.76 -15.45 23.66
C LYS C 341 -15.87 -16.94 23.91
N ASP C 342 -14.72 -17.57 24.11
CA ASP C 342 -14.61 -19.00 24.39
C ASP C 342 -15.54 -19.46 25.51
N GLN D 104 27.90 9.49 2.72
CA GLN D 104 27.22 8.21 2.90
C GLN D 104 25.93 8.37 3.68
N ILE D 105 24.80 8.14 3.01
CA ILE D 105 23.49 8.26 3.65
C ILE D 105 23.22 7.02 4.48
N THR D 106 23.00 7.21 5.78
CA THR D 106 22.73 6.10 6.68
C THR D 106 21.47 5.35 6.26
N THR D 107 21.58 4.01 6.23
CA THR D 107 20.39 3.19 6.01
C THR D 107 19.50 3.14 7.23
N GLY D 108 20.04 3.53 8.39
CA GLY D 108 19.37 3.40 9.67
C GLY D 108 19.38 2.01 10.25
N SER D 109 19.82 1.00 9.50
CA SER D 109 20.26 -0.27 10.07
C SER D 109 21.77 -0.24 10.22
N LYS D 110 22.26 -0.39 11.46
CA LYS D 110 23.70 -0.38 11.69
C LYS D 110 24.37 -1.53 10.95
N GLU D 111 23.79 -2.73 11.02
CA GLU D 111 24.37 -3.87 10.30
C GLU D 111 24.42 -3.61 8.81
N LEU D 112 23.37 -2.98 8.26
CA LEU D 112 23.37 -2.67 6.84
C LEU D 112 24.40 -1.59 6.53
N ASP D 113 24.53 -0.60 7.41
CA ASP D 113 25.56 0.43 7.26
C ASP D 113 26.95 -0.20 7.22
N LYS D 114 27.21 -1.14 8.12
CA LYS D 114 28.48 -1.86 8.10
C LYS D 114 28.64 -2.64 6.81
N LEU D 115 27.55 -3.24 6.32
CA LEU D 115 27.61 -3.97 5.06
C LEU D 115 28.02 -3.05 3.92
N LEU D 116 27.51 -1.82 3.92
CA LEU D 116 27.79 -0.83 2.90
C LEU D 116 29.00 0.03 3.22
N GLN D 117 29.70 -0.24 4.33
CA GLN D 117 30.82 0.58 4.80
C GLN D 117 30.39 1.98 5.22
N GLY D 118 29.15 2.13 5.67
CA GLY D 118 28.71 3.41 6.20
C GLY D 118 27.46 3.98 5.57
N GLY D 119 27.06 3.44 4.42
CA GLY D 119 25.84 3.87 3.76
C GLY D 119 26.04 4.09 2.29
N ILE D 120 24.93 4.41 1.62
CA ILE D 120 24.93 4.64 0.18
C ILE D 120 25.92 5.75 -0.18
N GLU D 121 26.68 5.53 -1.24
CA GLU D 121 27.42 6.61 -1.89
C GLU D 121 26.44 7.48 -2.67
N THR D 122 26.37 8.76 -2.30
CA THR D 122 25.66 9.72 -3.12
C THR D 122 26.33 9.86 -4.48
N GLY D 123 25.53 10.23 -5.48
CA GLY D 123 26.01 10.38 -6.84
C GLY D 123 26.06 9.09 -7.64
N SER D 124 25.49 8.00 -7.13
CA SER D 124 25.51 6.73 -7.84
C SER D 124 24.19 6.00 -7.60
N ILE D 125 23.89 5.06 -8.49
CA ILE D 125 22.66 4.27 -8.40
C ILE D 125 22.93 2.99 -7.62
N THR D 126 22.10 2.72 -6.62
CA THR D 126 22.16 1.49 -5.84
C THR D 126 20.86 0.72 -6.04
N GLU D 127 20.97 -0.49 -6.59
CA GLU D 127 19.80 -1.30 -6.88
C GLU D 127 19.62 -2.38 -5.83
N MET D 128 18.39 -2.50 -5.31
CA MET D 128 18.01 -3.57 -4.39
C MET D 128 16.92 -4.43 -5.05
N PHE D 129 17.31 -5.61 -5.49
CA PHE D 129 16.44 -6.59 -6.10
C PHE D 129 16.13 -7.70 -5.10
N GLY D 130 14.84 -7.99 -4.94
CA GLY D 130 14.40 -9.00 -4.02
C GLY D 130 12.93 -9.32 -4.26
N GLU D 131 12.47 -10.37 -3.59
CA GLU D 131 11.08 -10.77 -3.72
C GLU D 131 10.17 -9.68 -3.17
N PHE D 132 8.88 -9.80 -3.49
CA PHE D 132 7.89 -8.91 -2.91
C PHE D 132 7.85 -9.11 -1.40
N ARG D 133 7.51 -8.05 -0.68
CA ARG D 133 7.37 -8.04 0.78
C ARG D 133 8.71 -8.20 1.49
N THR D 134 9.83 -8.11 0.78
CA THR D 134 11.14 -8.18 1.43
C THR D 134 11.48 -6.91 2.18
N GLY D 135 10.77 -5.81 1.92
CA GLY D 135 11.04 -4.56 2.57
C GLY D 135 11.68 -3.47 1.75
N LYS D 136 11.77 -3.64 0.42
CA LYS D 136 12.29 -2.59 -0.44
C LYS D 136 11.60 -1.25 -0.16
N THR D 137 10.26 -1.26 -0.19
CA THR D 137 9.48 -0.04 0.06
C THR D 137 9.73 0.50 1.47
N GLN D 138 9.83 -0.39 2.46
CA GLN D 138 10.09 0.06 3.83
C GLN D 138 11.44 0.77 3.93
N ILE D 139 12.46 0.18 3.30
CA ILE D 139 13.78 0.81 3.27
C ILE D 139 13.70 2.17 2.59
N CYS D 140 12.94 2.26 1.50
CA CYS D 140 12.76 3.54 0.82
C CYS D 140 12.14 4.57 1.75
N HIS D 141 11.06 4.21 2.44
CA HIS D 141 10.44 5.14 3.39
C HIS D 141 11.41 5.58 4.47
N THR D 142 12.20 4.65 5.01
CA THR D 142 13.19 5.02 6.02
C THR D 142 14.22 6.00 5.46
N LEU D 143 14.81 5.68 4.32
CA LEU D 143 15.81 6.55 3.73
C LEU D 143 15.24 7.90 3.36
N ALA D 144 13.95 7.98 3.02
CA ALA D 144 13.33 9.24 2.64
C ALA D 144 13.40 10.24 3.75
N VAL D 145 13.54 9.77 4.99
CA VAL D 145 13.65 10.63 6.15
C VAL D 145 15.09 10.76 6.61
N THR D 146 15.81 9.63 6.64
CA THR D 146 17.20 9.66 7.09
C THR D 146 18.07 10.56 6.21
N CYS D 147 17.73 10.69 4.92
CA CYS D 147 18.48 11.59 4.07
C CYS D 147 18.52 13.01 4.63
N GLN D 148 17.42 13.43 5.27
CA GLN D 148 17.36 14.77 5.83
C GLN D 148 18.17 14.91 7.11
N LEU D 149 18.63 13.81 7.69
CA LEU D 149 19.44 13.86 8.90
C LEU D 149 20.75 14.61 8.65
N PRO D 150 21.35 15.16 9.70
CA PRO D 150 22.67 15.78 9.55
C PRO D 150 23.69 14.78 9.02
N ILE D 151 24.70 15.30 8.32
CA ILE D 151 25.74 14.45 7.76
C ILE D 151 26.48 13.71 8.86
N ASP D 152 26.66 14.37 10.02
CA ASP D 152 27.31 13.71 11.14
C ASP D 152 26.47 12.57 11.69
N ARG D 153 25.17 12.57 11.41
CA ARG D 153 24.28 11.49 11.82
C ARG D 153 24.05 10.48 10.71
N GLY D 154 24.77 10.58 9.60
CA GLY D 154 24.61 9.66 8.50
C GLY D 154 23.65 10.11 7.43
N GLY D 155 23.16 11.34 7.49
CA GLY D 155 22.27 11.86 6.47
C GLY D 155 23.01 12.63 5.39
N GLY D 156 22.22 13.23 4.51
CA GLY D 156 22.75 14.07 3.46
C GLY D 156 22.39 15.53 3.59
N GLU D 157 21.57 15.85 4.60
CA GLU D 157 21.07 17.20 4.82
C GLU D 157 20.41 17.73 3.54
N GLY D 158 19.56 16.90 2.96
CA GLY D 158 18.86 17.26 1.75
C GLY D 158 17.46 16.69 1.75
N LYS D 159 16.64 17.26 0.89
CA LYS D 159 15.25 16.84 0.74
C LYS D 159 15.18 15.51 -0.02
N ALA D 160 14.03 14.87 0.05
CA ALA D 160 13.81 13.56 -0.57
C ALA D 160 12.81 13.63 -1.71
N MET D 161 12.96 12.71 -2.66
CA MET D 161 12.08 12.59 -3.82
C MET D 161 11.59 11.17 -3.96
N TYR D 162 10.27 11.00 -3.87
CA TYR D 162 9.62 9.69 -3.94
C TYR D 162 8.76 9.67 -5.19
N ILE D 163 9.13 8.84 -6.16
CA ILE D 163 8.33 8.61 -7.35
C ILE D 163 7.72 7.23 -7.17
N ASP D 164 6.41 7.18 -6.99
CA ASP D 164 5.73 5.92 -6.71
C ASP D 164 4.96 5.42 -7.92
N THR D 165 5.02 4.11 -8.14
CA THR D 165 4.30 3.47 -9.22
C THR D 165 3.36 2.37 -8.72
N GLU D 166 3.32 2.15 -7.41
CA GLU D 166 2.68 0.97 -6.84
C GLU D 166 1.69 1.31 -5.73
N GLY D 167 1.51 2.58 -5.39
CA GLY D 167 0.54 3.02 -4.40
C GLY D 167 0.97 2.87 -2.96
N THR D 168 2.15 2.34 -2.70
CA THR D 168 2.60 1.99 -1.36
C THR D 168 3.17 3.17 -0.58
N PHE D 169 3.01 4.39 -1.06
CA PHE D 169 3.57 5.55 -0.38
C PHE D 169 2.75 5.87 0.85
N ARG D 170 3.43 5.96 1.99
CA ARG D 170 2.80 6.22 3.28
C ARG D 170 3.49 7.36 4.00
N PRO D 171 2.89 8.54 4.06
CA PRO D 171 3.51 9.64 4.81
C PRO D 171 3.64 9.29 6.28
N GLU D 172 2.75 8.44 6.80
CA GLU D 172 2.81 8.04 8.20
C GLU D 172 4.07 7.23 8.49
N ARG D 173 4.53 6.42 7.54
CA ARG D 173 5.81 5.75 7.72
C ARG D 173 6.95 6.75 7.81
N LEU D 174 6.88 7.82 6.99
CA LEU D 174 7.87 8.88 7.06
C LEU D 174 7.83 9.56 8.42
N LEU D 175 6.62 9.75 8.95
CA LEU D 175 6.48 10.37 10.26
C LEU D 175 7.09 9.49 11.35
N ALA D 176 6.88 8.18 11.23
CA ALA D 176 7.46 7.23 12.17
C ALA D 176 8.98 7.25 12.12
N VAL D 177 9.56 7.29 10.91
CA VAL D 177 11.01 7.36 10.81
C VAL D 177 11.53 8.67 11.37
N ALA D 178 10.82 9.78 11.10
CA ALA D 178 11.25 11.07 11.63
C ALA D 178 11.22 11.10 13.15
N GLU D 179 10.15 10.58 13.77
CA GLU D 179 10.11 10.54 15.23
C GLU D 179 11.11 9.58 15.82
N ARG D 180 11.45 8.49 15.11
CA ARG D 180 12.48 7.59 15.61
C ARG D 180 13.79 8.32 15.80
N TYR D 181 14.26 9.00 14.76
CA TYR D 181 15.50 9.77 14.78
C TYR D 181 15.30 11.18 15.31
N GLY D 182 14.10 11.52 15.78
CA GLY D 182 13.83 12.84 16.30
C GLY D 182 13.82 13.95 15.26
N LEU D 183 13.24 13.69 14.09
CA LEU D 183 13.07 14.71 13.07
C LEU D 183 11.60 15.13 13.04
N SER D 184 11.38 16.40 12.70
CA SER D 184 10.02 16.91 12.62
C SER D 184 9.28 16.21 11.49
N GLY D 185 8.21 15.48 11.84
CA GLY D 185 7.46 14.76 10.82
C GLY D 185 6.85 15.69 9.79
N SER D 186 6.38 16.86 10.25
CA SER D 186 5.81 17.83 9.32
C SER D 186 6.88 18.35 8.38
N ASP D 187 8.07 18.63 8.91
CA ASP D 187 9.14 19.12 8.05
C ASP D 187 9.64 18.02 7.12
N VAL D 188 9.59 16.76 7.58
CA VAL D 188 9.95 15.64 6.71
C VAL D 188 9.00 15.58 5.53
N LEU D 189 7.70 15.67 5.80
CA LEU D 189 6.75 15.64 4.68
C LEU D 189 6.89 16.89 3.82
N ASP D 190 7.35 18.00 4.40
CA ASP D 190 7.58 19.22 3.64
C ASP D 190 8.84 19.13 2.80
N ASN D 191 9.74 18.20 3.13
CA ASN D 191 11.00 18.03 2.41
C ASN D 191 10.96 16.78 1.53
N VAL D 192 9.78 16.21 1.33
CA VAL D 192 9.58 15.05 0.46
C VAL D 192 8.52 15.44 -0.56
N ALA D 193 8.91 15.47 -1.83
CA ALA D 193 7.98 15.75 -2.90
C ALA D 193 7.59 14.40 -3.51
N TYR D 194 6.29 14.20 -3.69
CA TYR D 194 5.75 12.91 -4.06
C TYR D 194 4.90 13.01 -5.32
N ALA D 195 4.99 12.00 -6.16
CA ALA D 195 4.19 11.93 -7.38
C ALA D 195 4.11 10.49 -7.85
N ARG D 196 2.92 10.08 -8.27
CA ARG D 196 2.66 8.72 -8.69
C ARG D 196 2.72 8.67 -10.21
N ALA D 197 3.58 7.81 -10.75
CA ALA D 197 3.69 7.65 -12.19
C ALA D 197 2.64 6.66 -12.69
N PHE D 198 1.87 7.08 -13.70
CA PHE D 198 0.80 6.23 -14.20
C PHE D 198 1.28 5.27 -15.29
N ASN D 199 2.40 5.56 -15.93
CA ASN D 199 2.91 4.71 -17.00
C ASN D 199 4.41 4.94 -17.13
N THR D 200 5.04 4.18 -18.03
CA THR D 200 6.48 4.33 -18.23
C THR D 200 6.80 5.69 -18.82
N ASP D 201 5.99 6.14 -19.79
CA ASP D 201 6.19 7.45 -20.37
C ASP D 201 6.00 8.54 -19.32
N HIS D 202 4.97 8.40 -18.47
CA HIS D 202 4.80 9.36 -17.39
C HIS D 202 5.92 9.25 -16.36
N GLN D 203 6.41 8.03 -16.13
CA GLN D 203 7.50 7.84 -15.19
C GLN D 203 8.74 8.59 -15.65
N THR D 204 9.05 8.51 -16.94
CA THR D 204 10.19 9.24 -17.46
C THR D 204 9.90 10.74 -17.54
N GLN D 205 8.65 11.10 -17.85
CA GLN D 205 8.31 12.51 -17.97
C GLN D 205 8.45 13.23 -16.65
N LEU D 206 8.21 12.52 -15.54
CA LEU D 206 8.36 13.17 -14.23
C LEU D 206 9.80 13.58 -13.98
N LEU D 207 10.74 12.93 -14.65
CA LEU D 207 12.16 13.27 -14.48
C LEU D 207 12.44 14.65 -15.05
N TYR D 208 11.68 15.06 -16.06
CA TYR D 208 11.83 16.42 -16.59
C TYR D 208 11.47 17.48 -15.56
N GLN D 209 10.38 17.27 -14.81
CA GLN D 209 10.09 18.20 -13.72
C GLN D 209 11.09 18.06 -12.59
N ALA D 210 11.58 16.84 -12.37
CA ALA D 210 12.52 16.58 -11.28
C ALA D 210 13.85 17.29 -11.51
N SER D 211 14.35 17.29 -12.74
CA SER D 211 15.64 17.91 -13.02
C SER D 211 15.60 19.42 -12.78
N ALA D 212 14.53 20.08 -13.21
CA ALA D 212 14.45 21.52 -12.99
C ALA D 212 14.15 21.85 -11.54
N MET D 213 13.35 21.02 -10.86
CA MET D 213 13.01 21.29 -9.47
C MET D 213 14.18 21.03 -8.53
N MET D 214 15.02 20.04 -8.87
CA MET D 214 16.18 19.68 -8.06
C MET D 214 17.31 20.71 -8.15
N VAL D 215 17.17 21.72 -9.01
CA VAL D 215 18.18 22.76 -9.12
C VAL D 215 17.98 23.82 -8.05
N GLU D 216 16.72 24.16 -7.75
CA GLU D 216 16.42 25.21 -6.80
C GLU D 216 16.66 24.79 -5.35
N SER D 217 16.45 23.52 -5.03
CA SER D 217 16.66 23.05 -3.66
C SER D 217 17.61 21.87 -3.66
N ARG D 218 18.34 21.74 -2.55
CA ARG D 218 19.26 20.62 -2.38
C ARG D 218 18.48 19.37 -2.02
N TYR D 219 18.63 18.35 -2.85
CA TYR D 219 18.13 17.02 -2.57
C TYR D 219 19.30 16.06 -2.42
N ALA D 220 19.02 14.93 -1.78
CA ALA D 220 20.00 13.92 -1.50
C ALA D 220 19.54 12.52 -1.89
N LEU D 221 18.25 12.32 -2.16
CA LEU D 221 17.71 11.01 -2.42
C LEU D 221 16.59 11.08 -3.44
N LEU D 222 16.63 10.18 -4.41
CA LEU D 222 15.58 10.01 -5.41
C LEU D 222 15.11 8.57 -5.32
N ILE D 223 13.83 8.37 -5.06
CA ILE D 223 13.25 7.04 -4.88
C ILE D 223 12.27 6.75 -6.01
N VAL D 224 12.45 5.60 -6.64
CA VAL D 224 11.54 5.10 -7.68
C VAL D 224 11.12 3.70 -7.28
N ASP D 225 9.86 3.56 -6.84
CA ASP D 225 9.39 2.34 -6.21
C ASP D 225 8.54 1.53 -7.18
N SER D 226 8.84 0.23 -7.31
CA SER D 226 8.36 -0.60 -8.41
C SER D 226 8.77 -0.03 -9.77
N ALA D 227 10.03 0.39 -9.86
CA ALA D 227 10.54 1.01 -11.09
C ALA D 227 10.36 0.12 -12.31
N THR D 228 10.45 -1.20 -12.15
CA THR D 228 10.28 -2.10 -13.27
C THR D 228 8.85 -2.58 -13.48
N ALA D 229 7.94 -2.28 -12.56
CA ALA D 229 6.58 -2.80 -12.68
C ALA D 229 5.86 -2.20 -13.88
N LEU D 230 6.03 -0.90 -14.11
CA LEU D 230 5.33 -0.25 -15.23
C LEU D 230 5.83 -0.73 -16.58
N TYR D 231 7.07 -1.21 -16.67
CA TYR D 231 7.54 -1.73 -17.94
C TYR D 231 6.95 -3.12 -18.22
N ARG D 232 6.38 -3.76 -17.20
CA ARG D 232 5.72 -5.04 -17.34
C ARG D 232 4.21 -4.89 -17.54
N THR D 233 3.60 -3.91 -16.86
CA THR D 233 2.16 -3.71 -16.99
C THR D 233 1.82 -2.98 -18.29
N ASP D 234 2.61 -1.96 -18.63
CA ASP D 234 2.40 -1.22 -19.87
C ASP D 234 2.79 -2.06 -21.08
N TYR D 235 4.06 -2.44 -21.15
CA TYR D 235 4.60 -3.24 -22.24
C TYR D 235 4.46 -4.70 -21.84
N SER D 236 3.35 -5.32 -22.24
CA SER D 236 3.07 -6.71 -21.91
C SER D 236 3.28 -7.65 -23.08
N GLY D 237 3.35 -7.13 -24.30
CA GLY D 237 3.55 -7.97 -25.46
C GLY D 237 4.99 -8.39 -25.59
N ARG D 238 5.25 -9.26 -26.57
CA ARG D 238 6.59 -9.76 -26.81
C ARG D 238 7.32 -8.99 -27.90
N GLY D 239 6.60 -8.49 -28.91
CA GLY D 239 7.22 -7.65 -29.92
C GLY D 239 7.59 -6.28 -29.41
N GLU D 240 6.97 -5.84 -28.32
CA GLU D 240 7.24 -4.54 -27.73
C GLU D 240 8.31 -4.59 -26.64
N LEU D 241 9.04 -5.71 -26.52
CA LEU D 241 10.04 -5.81 -25.45
C LEU D 241 11.19 -4.84 -25.69
N SER D 242 11.65 -4.72 -26.93
CA SER D 242 12.75 -3.80 -27.22
C SER D 242 12.36 -2.36 -26.89
N ALA D 243 11.08 -2.02 -27.02
CA ALA D 243 10.66 -0.65 -26.75
C ALA D 243 10.76 -0.33 -25.27
N ARG D 244 10.27 -1.23 -24.42
CA ARG D 244 10.40 -1.01 -22.98
C ARG D 244 11.85 -1.08 -22.54
N GLN D 245 12.67 -1.92 -23.19
CA GLN D 245 14.09 -1.96 -22.85
C GLN D 245 14.79 -0.65 -23.22
N MET D 246 14.44 -0.08 -24.37
CA MET D 246 14.98 1.22 -24.76
C MET D 246 14.54 2.31 -23.79
N HIS D 247 13.25 2.31 -23.43
CA HIS D 247 12.75 3.32 -22.51
C HIS D 247 13.44 3.20 -21.15
N LEU D 248 13.62 1.96 -20.67
CA LEU D 248 14.31 1.74 -19.42
C LEU D 248 15.76 2.19 -19.52
N ALA D 249 16.43 1.89 -20.63
CA ALA D 249 17.82 2.32 -20.82
C ALA D 249 17.93 3.83 -20.75
N ARG D 250 17.05 4.54 -21.45
CA ARG D 250 17.04 6.00 -21.40
C ARG D 250 16.76 6.50 -20.00
N PHE D 251 15.83 5.84 -19.31
CA PHE D 251 15.48 6.23 -17.95
C PHE D 251 16.70 6.09 -17.04
N LEU D 252 17.43 4.97 -17.17
CA LEU D 252 18.62 4.73 -16.36
C LEU D 252 19.71 5.76 -16.67
N ARG D 253 19.88 6.09 -17.95
CA ARG D 253 20.85 7.11 -18.31
C ARG D 253 20.47 8.45 -17.69
N MET D 254 19.18 8.78 -17.70
CA MET D 254 18.72 10.00 -17.06
C MET D 254 18.99 9.97 -15.57
N LEU D 255 18.82 8.80 -14.94
CA LEU D 255 19.14 8.67 -13.53
C LEU D 255 20.61 8.95 -13.27
N LEU D 256 21.48 8.34 -14.06
CA LEU D 256 22.92 8.59 -13.92
C LEU D 256 23.27 10.06 -14.13
N ARG D 257 22.65 10.68 -15.12
CA ARG D 257 22.88 12.10 -15.40
C ARG D 257 22.47 12.96 -14.21
N LEU D 258 21.30 12.70 -13.64
CA LEU D 258 20.84 13.47 -12.48
C LEU D 258 21.73 13.22 -11.26
N ALA D 259 22.21 11.98 -11.11
CA ALA D 259 23.10 11.63 -10.01
C ALA D 259 24.40 12.40 -10.12
N ASP D 260 24.98 12.45 -11.32
CA ASP D 260 26.22 13.19 -11.48
C ASP D 260 25.99 14.69 -11.41
N GLU D 261 24.78 15.15 -11.71
CA GLU D 261 24.50 16.56 -11.74
C GLU D 261 24.28 17.12 -10.32
N PHE D 262 23.47 16.43 -9.53
CA PHE D 262 23.12 16.90 -8.21
C PHE D 262 23.83 16.17 -7.08
N GLY D 263 24.61 15.13 -7.39
CA GLY D 263 25.31 14.41 -6.33
C GLY D 263 24.36 13.74 -5.36
N VAL D 264 23.21 13.30 -5.84
CA VAL D 264 22.21 12.65 -5.01
C VAL D 264 22.27 11.13 -5.20
N ALA D 265 21.68 10.43 -4.24
CA ALA D 265 21.59 8.98 -4.26
C ALA D 265 20.37 8.59 -5.09
N VAL D 266 20.53 7.60 -5.96
CA VAL D 266 19.46 7.12 -6.82
C VAL D 266 19.08 5.71 -6.40
N VAL D 267 17.84 5.55 -5.92
CA VAL D 267 17.32 4.30 -5.42
C VAL D 267 16.13 3.89 -6.29
N ILE D 268 16.20 2.69 -6.87
CA ILE D 268 15.13 2.15 -7.68
C ILE D 268 14.84 0.75 -7.16
N THR D 269 13.57 0.36 -7.16
CA THR D 269 13.17 -0.94 -6.65
C THR D 269 12.66 -1.85 -7.75
N ASN D 270 13.04 -3.12 -7.67
CA ASN D 270 12.73 -4.11 -8.69
C ASN D 270 12.11 -5.32 -8.04
N GLN D 271 10.96 -5.75 -8.56
CA GLN D 271 10.30 -6.96 -8.09
C GLN D 271 10.80 -8.13 -8.92
N VAL D 272 11.21 -9.20 -8.26
CA VAL D 272 11.68 -10.41 -8.92
C VAL D 272 10.67 -11.50 -8.63
N VAL D 273 9.76 -11.73 -9.57
CA VAL D 273 8.72 -12.75 -9.43
C VAL D 273 9.33 -14.14 -9.55
N GLY D 292 16.57 -6.38 -15.44
CA GLY D 292 17.28 -6.43 -16.71
C GLY D 292 18.79 -6.46 -16.57
N ASN D 293 19.46 -7.13 -17.50
CA ASN D 293 20.92 -7.20 -17.48
C ASN D 293 21.56 -5.85 -17.77
N ILE D 294 20.81 -4.91 -18.34
CA ILE D 294 21.32 -3.58 -18.63
C ILE D 294 21.66 -2.83 -17.34
N ILE D 295 20.91 -3.05 -16.26
CA ILE D 295 21.16 -2.29 -15.05
C ILE D 295 22.49 -2.66 -14.40
N ALA D 296 22.99 -3.88 -14.63
CA ALA D 296 24.20 -4.33 -13.94
C ALA D 296 25.38 -3.37 -14.12
N HIS D 297 25.74 -3.03 -15.36
CA HIS D 297 26.84 -2.10 -15.57
C HIS D 297 26.51 -0.72 -15.03
N ALA D 298 25.23 -0.35 -15.01
CA ALA D 298 24.82 1.01 -14.64
C ALA D 298 24.71 1.14 -13.13
N SER D 299 24.14 0.14 -12.48
CA SER D 299 24.01 0.14 -11.03
C SER D 299 25.37 -0.20 -10.44
N THR D 300 25.75 0.52 -9.39
CA THR D 300 27.05 0.27 -8.77
C THR D 300 26.99 -0.80 -7.69
N THR D 301 25.88 -0.93 -6.98
CA THR D 301 25.80 -1.89 -5.90
C THR D 301 24.46 -2.62 -5.98
N ARG D 302 24.51 -3.94 -6.12
CA ARG D 302 23.31 -4.75 -6.23
C ARG D 302 23.13 -5.51 -4.92
N LEU D 303 21.96 -5.33 -4.32
CA LEU D 303 21.60 -5.95 -3.06
C LEU D 303 20.42 -6.88 -3.28
N TYR D 304 20.56 -8.11 -2.82
CA TYR D 304 19.51 -9.12 -2.92
C TYR D 304 18.84 -9.19 -1.57
N LEU D 305 17.52 -9.04 -1.57
CA LEU D 305 16.74 -9.06 -0.35
C LEU D 305 15.86 -10.29 -0.34
N ARG D 306 15.87 -11.02 0.77
CA ARG D 306 15.01 -12.18 0.94
C ARG D 306 14.41 -12.19 2.33
N LYS D 307 13.24 -12.82 2.44
CA LYS D 307 12.49 -12.81 3.68
C LYS D 307 13.05 -13.85 4.65
N GLY D 308 13.29 -13.42 5.88
CA GLY D 308 13.32 -14.31 7.03
C GLY D 308 11.98 -14.22 7.72
N ARG D 309 11.51 -15.35 8.24
CA ARG D 309 10.13 -15.42 8.68
C ARG D 309 9.91 -14.53 9.90
N GLY D 310 8.65 -14.14 10.10
CA GLY D 310 8.33 -12.94 10.84
C GLY D 310 8.59 -11.69 10.01
N GLU D 311 9.13 -10.64 10.63
CA GLU D 311 9.36 -9.38 9.96
C GLU D 311 10.85 -9.08 9.75
N THR D 312 11.69 -10.09 9.89
CA THR D 312 13.14 -9.89 9.85
C THR D 312 13.66 -10.39 8.50
N ARG D 313 14.42 -9.54 7.82
CA ARG D 313 14.85 -9.75 6.44
C ARG D 313 16.37 -9.92 6.33
N ILE D 314 16.77 -10.78 5.38
CA ILE D 314 18.17 -11.04 5.08
C ILE D 314 18.57 -10.24 3.85
N CYS D 315 19.70 -9.53 3.96
CA CYS D 315 20.26 -8.73 2.87
C CYS D 315 21.58 -9.35 2.48
N LYS D 316 21.83 -9.43 1.17
CA LYS D 316 23.05 -9.97 0.60
C LYS D 316 23.57 -9.03 -0.47
N ILE D 317 24.89 -8.91 -0.57
CA ILE D 317 25.50 -8.13 -1.64
C ILE D 317 25.86 -9.11 -2.74
N TYR D 318 25.38 -8.86 -3.96
CA TYR D 318 25.56 -9.83 -5.03
C TYR D 318 26.50 -9.34 -6.12
N ASP D 319 26.79 -8.05 -6.17
CA ASP D 319 27.96 -7.55 -6.87
C ASP D 319 28.34 -6.22 -6.24
N SER D 320 29.63 -6.05 -5.94
CA SER D 320 30.19 -4.73 -5.78
C SER D 320 31.69 -4.80 -6.07
N PRO D 321 32.19 -3.95 -6.98
CA PRO D 321 33.65 -3.85 -7.14
C PRO D 321 34.40 -3.49 -5.88
N CYS D 322 33.79 -2.74 -4.96
CA CYS D 322 34.41 -2.41 -3.68
C CYS D 322 33.83 -3.20 -2.51
N LEU D 323 32.53 -3.47 -2.51
CA LEU D 323 32.04 -4.16 -1.33
C LEU D 323 32.11 -5.67 -1.52
N PRO D 324 32.48 -6.39 -0.46
CA PRO D 324 32.45 -7.85 -0.52
C PRO D 324 31.05 -8.39 -0.81
N GLU D 325 31.01 -9.55 -1.44
CA GLU D 325 29.82 -10.39 -1.33
C GLU D 325 29.67 -10.85 0.12
N ALA D 326 28.57 -10.45 0.75
CA ALA D 326 28.38 -10.63 2.18
C ALA D 326 26.90 -10.47 2.49
N GLU D 327 26.53 -10.84 3.70
CA GLU D 327 25.14 -10.77 4.15
C GLU D 327 25.04 -10.11 5.51
N ALA D 328 23.89 -9.50 5.75
CA ALA D 328 23.58 -8.82 6.99
C ALA D 328 22.11 -8.99 7.28
N MET D 329 21.77 -9.17 8.55
CA MET D 329 20.41 -9.41 8.96
C MET D 329 19.84 -8.11 9.52
N PHE D 330 18.60 -7.77 9.15
CA PHE D 330 17.98 -6.57 9.66
C PHE D 330 16.49 -6.85 9.82
N ALA D 331 15.77 -5.94 10.46
CA ALA D 331 14.35 -6.10 10.70
C ALA D 331 13.60 -4.86 10.23
N ILE D 332 12.29 -5.04 10.08
CA ILE D 332 11.37 -3.99 9.70
C ILE D 332 10.46 -3.70 10.90
N ASN D 333 10.69 -2.57 11.55
CA ASN D 333 10.07 -2.19 12.80
C ASN D 333 9.16 -1.01 12.53
N ALA D 334 8.12 -0.85 13.36
CA ALA D 334 7.15 0.22 13.16
C ALA D 334 7.83 1.58 12.97
N ASP D 335 8.79 1.91 13.84
CA ASP D 335 9.53 3.16 13.69
C ASP D 335 10.39 3.21 12.44
N GLY D 336 10.94 2.07 12.00
CA GLY D 336 12.18 2.13 11.25
C GLY D 336 12.47 0.89 10.43
N VAL D 337 13.39 1.05 9.49
CA VAL D 337 14.18 -0.08 9.01
C VAL D 337 15.44 -0.11 9.85
N GLY D 338 15.63 -1.20 10.59
CA GLY D 338 16.40 -1.13 11.82
C GLY D 338 16.97 -2.50 12.10
N ASP D 339 18.03 -2.53 12.91
CA ASP D 339 18.82 -3.74 13.04
C ASP D 339 18.01 -4.85 13.67
N ALA D 340 18.36 -6.08 13.32
CA ALA D 340 17.70 -7.24 13.91
C ALA D 340 18.05 -7.35 15.38
N LYS D 341 17.04 -7.57 16.22
CA LYS D 341 17.21 -7.63 17.67
C LYS D 341 16.49 -8.88 18.16
N ASP D 342 17.19 -10.00 18.04
CA ASP D 342 16.69 -11.31 18.46
C ASP D 342 16.14 -11.31 19.89
#